data_1B30
#
_entry.id   1B30
#
_cell.length_a   81.300
_cell.length_b   81.300
_cell.length_c   113.170
_cell.angle_alpha   90.00
_cell.angle_beta   90.00
_cell.angle_gamma   120.00
#
_symmetry.space_group_name_H-M   'P 31 2 1'
#
loop_
_entity.id
_entity.type
_entity.pdbx_description
1 polymer 'PROTEIN (XYLANASE)'
2 branched beta-D-xylopyranose-(1-4)-beta-D-xylopyranose-(1-4)-beta-D-xylopyranose
3 water water
#
_entity_poly.entity_id   1
_entity_poly.type   'polypeptide(L)'
_entity_poly.pdbx_seq_one_letter_code
;(PCA)ASVSIDAKFKAHGKKYLGTIGDQYTLTKNTKNPAIIKADFGQLTPENSMKWDATEPNRGQFTFSGSDYLVNFAQS
NGKLIRGHTLVWHSQLPGWVSSITDKNTLISVLKNHITTVMTRYKGKIYAWDVLNEIFNEDGSLRNSVFYNVIGEDYVRI
AFETARSVDPNAKLYINDYNLDSAGYSKVNGMVSHVKKWLAAGIPIDGIGSQTHLGAGAGSAVAGALNALASAGTKEIAI
TELDIAGASSTDYVNVVNACLNQAKCVGITVWGVADPDSWRSSSSPLLFDGNYNPKAAYNAIANAL
;
_entity_poly.pdbx_strand_id   A
#
loop_
_chem_comp.id
_chem_comp.type
_chem_comp.name
_chem_comp.formula
XYP D-saccharide, beta linking beta-D-xylopyranose 'C5 H10 O5'
#
# COMPACT_ATOMS: atom_id res chain seq x y z
N PCA A 1 16.46 -12.17 12.29
CA PCA A 1 16.89 -10.81 11.98
CB PCA A 1 16.98 -10.10 13.34
CG PCA A 1 16.67 -11.17 14.37
CD PCA A 1 16.32 -12.41 13.59
OE PCA A 1 15.98 -13.49 14.08
C PCA A 1 18.24 -10.78 11.28
O PCA A 1 19.19 -11.45 11.70
N ALA A 2 18.31 -10.04 10.18
CA ALA A 2 19.56 -9.90 9.44
C ALA A 2 20.32 -8.82 10.20
N SER A 3 21.64 -9.00 10.32
CA SER A 3 22.49 -8.06 11.03
C SER A 3 22.42 -6.66 10.43
N VAL A 4 22.40 -6.60 9.10
CA VAL A 4 22.32 -5.34 8.37
C VAL A 4 20.85 -5.05 8.05
N SER A 5 20.39 -3.86 8.44
CA SER A 5 19.02 -3.43 8.20
C SER A 5 18.89 -2.66 6.90
N ILE A 6 18.14 -3.19 5.94
CA ILE A 6 17.96 -2.49 4.67
C ILE A 6 17.16 -1.20 4.83
N ASP A 7 16.31 -1.14 5.86
CA ASP A 7 15.52 0.05 6.15
C ASP A 7 16.48 1.16 6.56
N ALA A 8 17.44 0.82 7.41
CA ALA A 8 18.42 1.79 7.88
C ALA A 8 19.24 2.32 6.71
N LYS A 9 19.71 1.43 5.83
CA LYS A 9 20.52 1.83 4.69
C LYS A 9 19.70 2.66 3.70
N PHE A 10 18.42 2.35 3.56
CA PHE A 10 17.55 3.07 2.65
C PHE A 10 17.33 4.48 3.20
N LYS A 11 17.05 4.56 4.50
CA LYS A 11 16.82 5.83 5.14
C LYS A 11 18.05 6.74 5.04
N ALA A 12 19.22 6.13 5.04
CA ALA A 12 20.47 6.88 4.92
C ALA A 12 20.56 7.61 3.58
N HIS A 13 19.79 7.18 2.59
CA HIS A 13 19.78 7.82 1.29
C HIS A 13 18.68 8.90 1.19
N GLY A 14 18.06 9.24 2.31
CA GLY A 14 17.00 10.25 2.30
C GLY A 14 15.58 9.73 2.15
N LYS A 15 15.42 8.42 2.08
CA LYS A 15 14.10 7.80 1.95
C LYS A 15 13.46 7.66 3.32
N LYS A 16 12.13 7.64 3.35
CA LYS A 16 11.42 7.55 4.61
C LYS A 16 11.42 6.19 5.28
N TYR A 17 11.38 5.12 4.47
CA TYR A 17 11.36 3.77 5.02
C TYR A 17 11.47 2.71 3.93
N LEU A 18 11.69 1.48 4.38
CA LEU A 18 11.70 0.29 3.55
C LEU A 18 10.99 -0.58 4.58
N GLY A 19 9.70 -0.84 4.34
CA GLY A 19 8.90 -1.62 5.28
C GLY A 19 8.35 -2.94 4.80
N THR A 20 7.42 -3.48 5.57
CA THR A 20 6.80 -4.75 5.25
C THR A 20 5.36 -4.79 5.80
N ILE A 21 4.77 -5.98 5.88
CA ILE A 21 3.40 -6.12 6.38
C ILE A 21 3.33 -7.01 7.60
N GLY A 22 2.16 -7.01 8.23
CA GLY A 22 1.97 -7.85 9.40
C GLY A 22 0.53 -7.80 9.89
N ASP A 23 0.28 -8.61 10.91
CA ASP A 23 -1.01 -8.72 11.57
C ASP A 23 -0.77 -9.70 12.70
N GLN A 24 -1.73 -9.87 13.60
CA GLN A 24 -1.54 -10.73 14.76
C GLN A 24 -0.90 -12.09 14.51
N TYR A 25 -1.38 -12.83 13.53
CA TYR A 25 -0.82 -14.15 13.25
C TYR A 25 0.68 -14.15 12.92
N THR A 26 1.09 -13.43 11.88
CA THR A 26 2.50 -13.42 11.51
C THR A 26 3.41 -12.74 12.53
N LEU A 27 2.84 -11.87 13.36
CA LEU A 27 3.64 -11.19 14.38
C LEU A 27 3.86 -12.07 15.61
N THR A 28 3.12 -13.19 15.69
CA THR A 28 3.23 -14.10 16.82
C THR A 28 3.45 -15.58 16.48
N LYS A 29 3.46 -15.93 15.19
CA LYS A 29 3.63 -17.33 14.78
C LYS A 29 4.96 -17.99 15.16
N ASN A 30 5.99 -17.17 15.36
CA ASN A 30 7.33 -17.62 15.75
C ASN A 30 8.10 -16.42 16.27
N THR A 31 9.33 -16.64 16.70
CA THR A 31 10.15 -15.55 17.23
C THR A 31 10.89 -14.74 16.19
N LYS A 32 11.27 -15.39 15.09
CA LYS A 32 12.02 -14.74 14.03
C LYS A 32 11.27 -13.67 13.23
N ASN A 33 10.00 -13.91 12.93
CA ASN A 33 9.24 -12.96 12.15
C ASN A 33 9.13 -11.57 12.79
N PRO A 34 8.65 -11.48 14.05
CA PRO A 34 8.56 -10.16 14.67
C PRO A 34 9.93 -9.55 14.87
N ALA A 35 10.92 -10.40 15.13
CA ALA A 35 12.30 -9.97 15.33
C ALA A 35 12.88 -9.36 14.05
N ILE A 36 12.54 -9.94 12.91
CA ILE A 36 13.00 -9.44 11.62
C ILE A 36 12.34 -8.09 11.35
N ILE A 37 11.04 -7.99 11.65
CA ILE A 37 10.31 -6.75 11.43
C ILE A 37 10.91 -5.61 12.23
N LYS A 38 11.23 -5.87 13.49
CA LYS A 38 11.80 -4.86 14.36
C LYS A 38 13.23 -4.45 14.00
N ALA A 39 14.02 -5.40 13.54
CA ALA A 39 15.40 -5.13 13.20
C ALA A 39 15.70 -4.59 11.81
N ASP A 40 15.00 -5.10 10.80
CA ASP A 40 15.28 -4.70 9.42
C ASP A 40 14.30 -3.84 8.64
N PHE A 41 13.10 -3.62 9.17
CA PHE A 41 12.09 -2.83 8.47
C PHE A 41 11.65 -1.65 9.31
N GLY A 42 11.28 -0.56 8.65
CA GLY A 42 10.87 0.63 9.39
C GLY A 42 9.44 1.08 9.24
N GLN A 43 8.62 0.25 8.60
CA GLN A 43 7.23 0.61 8.39
C GLN A 43 6.41 -0.67 8.28
N LEU A 44 5.12 -0.57 8.64
CA LEU A 44 4.18 -1.69 8.60
C LEU A 44 2.82 -1.35 7.99
N THR A 45 2.32 -2.27 7.18
CA THR A 45 1.00 -2.14 6.57
C THR A 45 0.24 -3.36 7.05
N PRO A 46 -0.99 -3.16 7.56
CA PRO A 46 -1.76 -4.32 8.03
C PRO A 46 -2.16 -5.14 6.81
N GLU A 47 -1.82 -6.42 6.80
CA GLU A 47 -2.14 -7.26 5.64
C GLU A 47 -3.64 -7.40 5.34
N ASN A 48 -4.47 -7.46 6.38
CA ASN A 48 -5.92 -7.63 6.21
C ASN A 48 -6.82 -6.95 7.25
N SER A 49 -6.29 -6.68 8.43
CA SER A 49 -7.09 -6.10 9.51
C SER A 49 -7.77 -4.74 9.34
N MET A 50 -7.31 -3.92 8.41
CA MET A 50 -7.93 -2.62 8.20
C MET A 50 -8.86 -2.52 7.01
N LYS A 51 -9.07 -3.63 6.30
CA LYS A 51 -9.95 -3.66 5.14
C LYS A 51 -11.41 -3.59 5.59
N TRP A 52 -12.29 -3.21 4.67
CA TRP A 52 -13.71 -3.06 5.00
C TRP A 52 -14.36 -4.28 5.65
N ASP A 53 -14.12 -5.47 5.10
CA ASP A 53 -14.70 -6.69 5.63
C ASP A 53 -14.31 -6.97 7.08
N ALA A 54 -13.10 -6.55 7.45
CA ALA A 54 -12.60 -6.77 8.81
C ALA A 54 -12.85 -5.63 9.78
N THR A 55 -13.19 -4.45 9.27
CA THR A 55 -13.47 -3.29 10.13
C THR A 55 -14.95 -2.95 10.32
N GLU A 56 -15.78 -3.16 9.31
CA GLU A 56 -17.20 -2.86 9.42
C GLU A 56 -18.01 -3.97 8.75
N PRO A 57 -18.02 -5.17 9.35
CA PRO A 57 -18.75 -6.36 8.86
C PRO A 57 -20.25 -6.18 8.71
N ASN A 58 -20.83 -5.30 9.52
CA ASN A 58 -22.25 -5.00 9.48
C ASN A 58 -22.34 -3.50 9.50
N ARG A 59 -23.37 -2.97 8.86
CA ARG A 59 -23.59 -1.54 8.76
C ARG A 59 -23.51 -0.80 10.09
N GLY A 60 -22.51 0.07 10.20
CA GLY A 60 -22.30 0.87 11.40
C GLY A 60 -21.77 0.14 12.62
N GLN A 61 -21.39 -1.13 12.47
CA GLN A 61 -20.87 -1.89 13.58
C GLN A 61 -19.44 -2.29 13.25
N PHE A 62 -18.52 -1.64 13.95
CA PHE A 62 -17.09 -1.81 13.75
C PHE A 62 -16.40 -2.81 14.65
N THR A 63 -15.42 -3.49 14.08
CA THR A 63 -14.64 -4.49 14.77
C THR A 63 -13.16 -4.12 14.57
N PHE A 64 -12.54 -3.56 15.60
CA PHE A 64 -11.16 -3.11 15.52
C PHE A 64 -10.12 -3.91 16.29
N SER A 65 -10.41 -5.15 16.66
CA SER A 65 -9.43 -5.93 17.42
C SER A 65 -8.11 -6.14 16.66
N GLY A 66 -8.23 -6.64 15.43
CA GLY A 66 -7.06 -6.90 14.62
C GLY A 66 -6.25 -5.65 14.26
N SER A 67 -6.94 -4.62 13.79
CA SER A 67 -6.28 -3.38 13.42
C SER A 67 -5.62 -2.72 14.63
N ASP A 68 -6.28 -2.78 15.79
CA ASP A 68 -5.72 -2.20 17.02
C ASP A 68 -4.38 -2.84 17.33
N TYR A 69 -4.31 -4.17 17.22
CA TYR A 69 -3.09 -4.90 17.49
C TYR A 69 -1.92 -4.51 16.60
N LEU A 70 -2.19 -4.39 15.30
CA LEU A 70 -1.17 -4.03 14.32
C LEU A 70 -0.66 -2.61 14.57
N VAL A 71 -1.60 -1.68 14.78
CA VAL A 71 -1.25 -0.30 15.05
C VAL A 71 -0.45 -0.21 16.34
N ASN A 72 -0.90 -0.89 17.38
CA ASN A 72 -0.20 -0.89 18.66
C ASN A 72 1.22 -1.47 18.56
N PHE A 73 1.37 -2.57 17.81
CA PHE A 73 2.69 -3.18 17.66
C PHE A 73 3.62 -2.22 16.96
N ALA A 74 3.16 -1.64 15.86
CA ALA A 74 3.96 -0.70 15.09
C ALA A 74 4.34 0.54 15.92
N GLN A 75 3.35 1.15 16.55
CA GLN A 75 3.57 2.32 17.39
C GLN A 75 4.51 2.01 18.56
N SER A 76 4.37 0.81 19.12
CA SER A 76 5.20 0.38 20.24
C SER A 76 6.64 0.09 19.84
N ASN A 77 6.87 -0.03 18.54
CA ASN A 77 8.21 -0.36 18.05
C ASN A 77 8.81 0.61 17.04
N GLY A 78 8.32 1.85 17.05
CA GLY A 78 8.82 2.89 16.17
C GLY A 78 8.69 2.65 14.67
N LYS A 79 7.64 1.96 14.26
CA LYS A 79 7.42 1.69 12.84
C LYS A 79 6.32 2.58 12.27
N LEU A 80 6.57 3.17 11.10
CA LEU A 80 5.58 4.01 10.44
C LEU A 80 4.45 3.06 10.02
N ILE A 81 3.25 3.59 9.86
CA ILE A 81 2.12 2.77 9.48
C ILE A 81 1.44 3.29 8.24
N ARG A 82 1.06 2.39 7.34
CA ARG A 82 0.32 2.78 6.16
C ARG A 82 -1.05 2.10 6.33
N GLY A 83 -2.10 2.91 6.49
CA GLY A 83 -3.43 2.36 6.63
C GLY A 83 -3.87 1.75 5.31
N HIS A 84 -4.50 0.59 5.35
CA HIS A 84 -4.90 -0.09 4.13
C HIS A 84 -6.09 -1.02 4.37
N THR A 85 -7.22 -0.83 3.68
CA THR A 85 -7.44 0.25 2.71
C THR A 85 -8.91 0.66 2.89
N LEU A 86 -9.18 1.94 2.76
CA LEU A 86 -10.52 2.46 2.99
C LEU A 86 -11.64 2.19 2.00
N VAL A 87 -11.37 2.32 0.70
CA VAL A 87 -12.39 2.12 -0.33
C VAL A 87 -11.86 1.14 -1.38
N TRP A 88 -12.52 -0.01 -1.48
CA TRP A 88 -12.06 -1.05 -2.41
C TRP A 88 -13.25 -1.96 -2.77
N HIS A 89 -13.26 -2.45 -4.01
CA HIS A 89 -14.32 -3.34 -4.50
C HIS A 89 -14.13 -4.78 -4.02
N SER A 90 -12.93 -5.10 -3.59
CA SER A 90 -12.61 -6.44 -3.12
C SER A 90 -12.61 -6.45 -1.59
N GLN A 91 -12.91 -7.60 -1.00
CA GLN A 91 -12.98 -7.75 0.47
C GLN A 91 -13.92 -6.70 1.07
N LEU A 92 -15.06 -6.54 0.40
CA LEU A 92 -16.11 -5.60 0.76
C LEU A 92 -17.34 -6.39 1.14
N PRO A 93 -17.93 -6.10 2.31
CA PRO A 93 -19.12 -6.80 2.79
C PRO A 93 -20.31 -6.64 1.85
N GLY A 94 -21.12 -7.68 1.75
CA GLY A 94 -22.27 -7.65 0.87
C GLY A 94 -23.25 -6.53 1.15
N TRP A 95 -23.32 -6.08 2.40
CA TRP A 95 -24.24 -5.00 2.73
C TRP A 95 -23.90 -3.69 2.02
N VAL A 96 -22.62 -3.50 1.70
CA VAL A 96 -22.19 -2.30 1.01
C VAL A 96 -22.49 -2.41 -0.48
N SER A 97 -22.02 -3.50 -1.10
CA SER A 97 -22.22 -3.70 -2.52
C SER A 97 -23.68 -3.80 -2.96
N SER A 98 -24.58 -4.07 -2.02
CA SER A 98 -25.99 -4.17 -2.37
C SER A 98 -26.74 -2.84 -2.34
N ILE A 99 -26.09 -1.78 -1.87
CA ILE A 99 -26.71 -0.47 -1.81
C ILE A 99 -26.86 0.14 -3.21
N THR A 100 -28.03 0.67 -3.51
CA THR A 100 -28.33 1.25 -4.81
C THR A 100 -28.63 2.76 -4.80
N ASP A 101 -28.88 3.31 -3.61
CA ASP A 101 -29.17 4.73 -3.48
C ASP A 101 -27.89 5.53 -3.27
N LYS A 102 -27.64 6.48 -4.17
CA LYS A 102 -26.46 7.33 -4.14
C LYS A 102 -26.18 8.00 -2.80
N ASN A 103 -27.17 8.72 -2.27
CA ASN A 103 -26.99 9.42 -1.00
C ASN A 103 -26.76 8.46 0.16
N THR A 104 -27.34 7.28 0.08
CA THR A 104 -27.15 6.28 1.13
C THR A 104 -25.72 5.75 1.06
N LEU A 105 -25.23 5.48 -0.16
CA LEU A 105 -23.87 4.97 -0.30
C LEU A 105 -22.83 6.02 0.14
N ILE A 106 -23.09 7.28 -0.18
CA ILE A 106 -22.19 8.38 0.21
C ILE A 106 -22.10 8.47 1.74
N SER A 107 -23.25 8.38 2.41
CA SER A 107 -23.31 8.42 3.86
C SER A 107 -22.50 7.27 4.45
N VAL A 108 -22.70 6.07 3.91
CA VAL A 108 -22.02 4.87 4.34
C VAL A 108 -20.51 5.01 4.12
N LEU A 109 -20.14 5.46 2.93
CA LEU A 109 -18.74 5.66 2.56
C LEU A 109 -18.05 6.62 3.53
N LYS A 110 -18.69 7.76 3.77
CA LYS A 110 -18.15 8.79 4.67
C LYS A 110 -18.06 8.32 6.12
N ASN A 111 -19.05 7.58 6.58
CA ASN A 111 -19.03 7.08 7.94
C ASN A 111 -17.91 6.05 8.13
N HIS A 112 -17.69 5.22 7.11
CA HIS A 112 -16.63 4.22 7.19
C HIS A 112 -15.28 4.90 7.26
N ILE A 113 -15.02 5.81 6.33
CA ILE A 113 -13.77 6.54 6.28
C ILE A 113 -13.54 7.26 7.61
N THR A 114 -14.53 8.03 8.03
CA THR A 114 -14.46 8.79 9.28
C THR A 114 -14.18 7.94 10.52
N THR A 115 -14.93 6.87 10.71
CA THR A 115 -14.74 6.02 11.88
C THR A 115 -13.39 5.33 11.92
N VAL A 116 -12.98 4.76 10.80
CA VAL A 116 -11.69 4.07 10.74
C VAL A 116 -10.52 5.04 10.93
N MET A 117 -10.56 6.16 10.22
CA MET A 117 -9.49 7.16 10.31
C MET A 117 -9.42 7.89 11.66
N THR A 118 -10.58 8.13 12.27
CA THR A 118 -10.63 8.82 13.56
C THR A 118 -10.05 7.95 14.67
N ARG A 119 -10.20 6.64 14.55
CA ARG A 119 -9.67 5.76 15.57
C ARG A 119 -8.14 5.79 15.64
N TYR A 120 -7.50 6.04 14.51
CA TYR A 120 -6.03 6.07 14.45
C TYR A 120 -5.50 7.43 14.05
N LYS A 121 -6.32 8.46 14.28
CA LYS A 121 -5.96 9.83 13.93
C LYS A 121 -4.59 10.22 14.47
N GLY A 122 -3.72 10.69 13.58
CA GLY A 122 -2.40 11.12 13.99
C GLY A 122 -1.35 10.03 14.11
N LYS A 123 -1.73 8.76 13.97
CA LYS A 123 -0.80 7.64 14.08
C LYS A 123 -0.45 7.02 12.74
N ILE A 124 -1.16 7.44 11.70
CA ILE A 124 -0.97 6.90 10.37
C ILE A 124 -0.15 7.79 9.45
N TYR A 125 0.92 7.25 8.88
CA TYR A 125 1.74 8.05 7.97
C TYR A 125 0.99 8.26 6.66
N ALA A 126 0.48 7.17 6.10
CA ALA A 126 -0.24 7.24 4.83
C ALA A 126 -1.42 6.29 4.81
N TRP A 127 -2.51 6.72 4.17
CA TRP A 127 -3.71 5.91 4.04
C TRP A 127 -3.94 5.62 2.57
N ASP A 128 -4.20 4.36 2.24
CA ASP A 128 -4.54 4.04 0.86
C ASP A 128 -6.05 4.30 0.88
N VAL A 129 -6.43 5.54 0.55
CA VAL A 129 -7.85 5.93 0.55
C VAL A 129 -8.66 5.13 -0.47
N LEU A 130 -8.14 5.05 -1.70
CA LEU A 130 -8.77 4.31 -2.78
C LEU A 130 -7.83 3.20 -3.24
N ASN A 131 -8.38 2.02 -3.52
CA ASN A 131 -7.53 0.93 -3.96
C ASN A 131 -8.12 0.29 -5.22
N GLU A 132 -7.26 0.08 -6.20
CA GLU A 132 -7.58 -0.56 -7.47
C GLU A 132 -8.88 -0.09 -8.13
N ILE A 133 -8.98 1.20 -8.43
CA ILE A 133 -10.19 1.72 -9.05
C ILE A 133 -10.10 1.82 -10.56
N PHE A 134 -9.03 1.28 -11.15
CA PHE A 134 -8.86 1.35 -12.59
C PHE A 134 -8.88 0.01 -13.28
N ASN A 135 -9.41 0.00 -14.50
CA ASN A 135 -9.43 -1.19 -15.33
C ASN A 135 -8.04 -1.16 -15.98
N GLU A 136 -7.63 -2.28 -16.57
CA GLU A 136 -6.32 -2.34 -17.20
C GLU A 136 -6.13 -1.31 -18.33
N ASP A 137 -7.22 -0.95 -19.01
CA ASP A 137 -7.13 0.01 -20.10
C ASP A 137 -7.08 1.47 -19.64
N GLY A 138 -7.11 1.68 -18.33
CA GLY A 138 -7.03 3.03 -17.80
C GLY A 138 -8.36 3.68 -17.49
N SER A 139 -9.47 3.00 -17.80
CA SER A 139 -10.78 3.56 -17.52
C SER A 139 -11.12 3.22 -16.07
N LEU A 140 -12.14 3.87 -15.55
CA LEU A 140 -12.56 3.63 -14.17
C LEU A 140 -13.31 2.32 -14.00
N ARG A 141 -12.89 1.53 -13.02
CA ARG A 141 -13.50 0.25 -12.71
C ARG A 141 -14.94 0.43 -12.23
N ASN A 142 -15.85 -0.34 -12.80
CA ASN A 142 -17.25 -0.25 -12.44
C ASN A 142 -17.61 -0.99 -11.16
N SER A 143 -17.09 -0.50 -10.05
CA SER A 143 -17.36 -1.08 -8.75
C SER A 143 -18.69 -0.48 -8.32
N VAL A 144 -19.20 -0.89 -7.18
CA VAL A 144 -20.46 -0.35 -6.67
C VAL A 144 -20.32 1.15 -6.44
N PHE A 145 -19.14 1.60 -6.01
CA PHE A 145 -18.89 3.01 -5.76
C PHE A 145 -19.00 3.82 -7.03
N TYR A 146 -18.36 3.33 -8.10
CA TYR A 146 -18.41 4.01 -9.39
C TYR A 146 -19.81 3.95 -10.00
N ASN A 147 -20.42 2.77 -9.95
CA ASN A 147 -21.77 2.55 -10.49
C ASN A 147 -22.86 3.40 -9.82
N VAL A 148 -22.87 3.41 -8.49
CA VAL A 148 -23.89 4.14 -7.73
C VAL A 148 -23.63 5.64 -7.54
N ILE A 149 -22.41 6.01 -7.17
CA ILE A 149 -22.09 7.42 -6.94
C ILE A 149 -21.55 8.12 -8.19
N GLY A 150 -20.78 7.38 -8.99
CA GLY A 150 -20.19 7.96 -10.18
C GLY A 150 -18.79 8.41 -9.81
N GLU A 151 -18.14 9.13 -10.71
CA GLU A 151 -16.78 9.59 -10.49
C GLU A 151 -16.59 10.50 -9.27
N ASP A 152 -17.65 11.13 -8.81
CA ASP A 152 -17.57 12.02 -7.65
C ASP A 152 -17.16 11.29 -6.36
N TYR A 153 -17.22 9.96 -6.33
CA TYR A 153 -16.81 9.24 -5.13
C TYR A 153 -15.34 9.48 -4.82
N VAL A 154 -14.55 9.72 -5.86
CA VAL A 154 -13.11 9.97 -5.71
C VAL A 154 -12.90 11.23 -4.89
N ARG A 155 -13.61 12.29 -5.26
CA ARG A 155 -13.48 13.54 -4.52
C ARG A 155 -14.00 13.40 -3.10
N ILE A 156 -15.15 12.74 -2.95
CA ILE A 156 -15.76 12.55 -1.64
C ILE A 156 -14.86 11.80 -0.67
N ALA A 157 -14.23 10.75 -1.16
CA ALA A 157 -13.35 9.94 -0.31
C ALA A 157 -12.15 10.73 0.15
N PHE A 158 -11.46 11.38 -0.78
CA PHE A 158 -10.27 12.16 -0.45
C PHE A 158 -10.55 13.38 0.44
N GLU A 159 -11.60 14.13 0.11
CA GLU A 159 -11.95 15.29 0.91
C GLU A 159 -12.33 14.90 2.33
N THR A 160 -13.04 13.80 2.48
CA THR A 160 -13.44 13.32 3.79
C THR A 160 -12.20 12.88 4.57
N ALA A 161 -11.30 12.15 3.93
CA ALA A 161 -10.06 11.69 4.57
C ALA A 161 -9.22 12.89 5.04
N ARG A 162 -9.09 13.87 4.16
CA ARG A 162 -8.33 15.07 4.46
C ARG A 162 -8.85 15.82 5.69
N SER A 163 -10.17 15.94 5.81
CA SER A 163 -10.73 16.64 6.95
C SER A 163 -10.64 15.85 8.26
N VAL A 164 -10.78 14.54 8.16
CA VAL A 164 -10.72 13.68 9.34
C VAL A 164 -9.32 13.63 9.95
N ASP A 165 -8.30 13.44 9.11
CA ASP A 165 -6.93 13.39 9.61
C ASP A 165 -6.01 14.10 8.62
N PRO A 166 -5.84 15.43 8.80
CA PRO A 166 -4.99 16.21 7.91
C PRO A 166 -3.48 15.88 8.02
N ASN A 167 -3.14 15.01 8.97
CA ASN A 167 -1.75 14.61 9.17
C ASN A 167 -1.34 13.40 8.30
N ALA A 168 -2.32 12.69 7.76
CA ALA A 168 -2.01 11.53 6.94
C ALA A 168 -1.84 11.88 5.47
N LYS A 169 -0.93 11.18 4.80
CA LYS A 169 -0.69 11.36 3.37
C LYS A 169 -1.77 10.50 2.72
N LEU A 170 -2.57 11.11 1.83
CA LEU A 170 -3.67 10.42 1.17
C LEU A 170 -3.24 9.83 -0.19
N TYR A 171 -3.34 8.51 -0.32
CA TYR A 171 -2.93 7.77 -1.52
C TYR A 171 -4.02 7.08 -2.33
N ILE A 172 -3.76 6.96 -3.63
CA ILE A 172 -4.60 6.19 -4.53
C ILE A 172 -3.61 5.09 -4.90
N ASN A 173 -3.99 3.83 -4.63
CA ASN A 173 -3.12 2.67 -4.84
C ASN A 173 -3.66 1.78 -5.96
N ASP A 174 -2.75 1.15 -6.71
CA ASP A 174 -3.15 0.24 -7.78
C ASP A 174 -1.99 -0.62 -8.23
N TYR A 175 -2.32 -1.75 -8.86
CA TYR A 175 -1.31 -2.69 -9.37
C TYR A 175 -1.20 -2.57 -10.89
N ASN A 176 -0.15 -3.16 -11.44
CA ASN A 176 0.12 -3.12 -12.87
C ASN A 176 0.52 -1.72 -13.38
N LEU A 177 1.13 -0.93 -12.51
CA LEU A 177 1.61 0.39 -12.89
C LEU A 177 3.12 0.14 -12.96
N ASP A 178 3.47 -0.93 -13.65
CA ASP A 178 4.86 -1.41 -13.72
C ASP A 178 5.77 -1.09 -14.89
N SER A 179 5.29 -0.35 -15.88
CA SER A 179 6.15 0.04 -17.00
C SER A 179 5.55 1.24 -17.69
N ALA A 180 6.39 2.20 -18.02
CA ALA A 180 5.94 3.42 -18.70
C ALA A 180 5.26 3.03 -20.01
N GLY A 181 4.20 3.73 -20.34
CA GLY A 181 3.49 3.42 -21.57
C GLY A 181 2.37 2.42 -21.42
N TYR A 182 2.29 1.73 -20.27
CA TYR A 182 1.21 0.78 -20.06
C TYR A 182 -0.10 1.55 -19.87
N SER A 183 -1.16 1.08 -20.53
CA SER A 183 -2.46 1.75 -20.48
C SER A 183 -2.95 2.18 -19.09
N LYS A 184 -2.75 1.34 -18.09
CA LYS A 184 -3.17 1.64 -16.72
C LYS A 184 -2.33 2.77 -16.11
N VAL A 185 -1.06 2.82 -16.49
CA VAL A 185 -0.16 3.87 -16.04
C VAL A 185 -0.65 5.19 -16.65
N ASN A 186 -0.93 5.17 -17.95
CA ASN A 186 -1.41 6.36 -18.63
C ASN A 186 -2.75 6.81 -18.01
N GLY A 187 -3.62 5.85 -17.69
CA GLY A 187 -4.91 6.16 -17.08
C GLY A 187 -4.80 6.71 -15.68
N MET A 188 -3.84 6.20 -14.91
CA MET A 188 -3.60 6.70 -13.56
C MET A 188 -3.10 8.14 -13.62
N VAL A 189 -2.17 8.40 -14.53
CA VAL A 189 -1.61 9.74 -14.69
C VAL A 189 -2.62 10.81 -15.13
N SER A 190 -3.35 10.56 -16.22
CA SER A 190 -4.32 11.55 -16.70
C SER A 190 -5.44 11.85 -15.72
N HIS A 191 -5.96 10.82 -15.04
CA HIS A 191 -7.03 11.03 -14.06
C HIS A 191 -6.53 11.84 -12.86
N VAL A 192 -5.37 11.47 -12.33
CA VAL A 192 -4.81 12.18 -11.19
C VAL A 192 -4.52 13.63 -11.53
N LYS A 193 -4.03 13.90 -12.74
CA LYS A 193 -3.78 15.26 -13.20
C LYS A 193 -5.09 16.04 -13.12
N LYS A 194 -6.16 15.45 -13.63
CA LYS A 194 -7.48 16.07 -13.61
C LYS A 194 -7.99 16.31 -12.19
N TRP A 195 -7.92 15.28 -11.36
CA TRP A 195 -8.37 15.37 -9.98
C TRP A 195 -7.60 16.41 -9.18
N LEU A 196 -6.29 16.50 -9.41
CA LEU A 196 -5.48 17.48 -8.70
C LEU A 196 -5.83 18.90 -9.17
N ALA A 197 -6.10 19.06 -10.46
CA ALA A 197 -6.46 20.36 -11.01
C ALA A 197 -7.82 20.82 -10.47
N ALA A 198 -8.67 19.86 -10.08
CA ALA A 198 -9.99 20.15 -9.53
C ALA A 198 -9.92 20.40 -8.01
N GLY A 199 -8.72 20.25 -7.44
CA GLY A 199 -8.55 20.49 -6.02
C GLY A 199 -8.73 19.28 -5.10
N ILE A 200 -8.83 18.09 -5.68
CA ILE A 200 -8.98 16.87 -4.88
C ILE A 200 -7.64 16.60 -4.21
N PRO A 201 -7.63 16.50 -2.87
CA PRO A 201 -6.43 16.25 -2.08
C PRO A 201 -5.76 14.87 -2.17
N ILE A 202 -5.08 14.61 -3.28
CA ILE A 202 -4.38 13.33 -3.45
C ILE A 202 -2.89 13.60 -3.25
N ASP A 203 -2.35 13.16 -2.12
CA ASP A 203 -0.95 13.38 -1.82
C ASP A 203 0.03 12.45 -2.52
N GLY A 204 -0.39 11.22 -2.77
CA GLY A 204 0.49 10.27 -3.42
C GLY A 204 -0.17 9.17 -4.22
N ILE A 205 0.63 8.52 -5.04
CA ILE A 205 0.19 7.41 -5.86
C ILE A 205 0.99 6.21 -5.38
N GLY A 206 0.29 5.12 -5.09
CA GLY A 206 0.95 3.92 -4.64
C GLY A 206 0.96 2.90 -5.75
N SER A 207 2.14 2.34 -6.02
CA SER A 207 2.25 1.33 -7.05
C SER A 207 2.55 0.05 -6.33
N GLN A 208 1.60 -0.88 -6.34
CA GLN A 208 1.77 -2.16 -5.67
C GLN A 208 3.06 -2.87 -6.04
N THR A 209 3.30 -3.03 -7.33
CA THR A 209 4.51 -3.68 -7.83
C THR A 209 4.60 -5.19 -7.52
N HIS A 210 3.57 -5.94 -7.90
CA HIS A 210 3.56 -7.39 -7.72
C HIS A 210 4.11 -7.88 -9.06
N LEU A 211 5.39 -8.24 -9.07
CA LEU A 211 6.07 -8.63 -10.30
C LEU A 211 6.37 -10.08 -10.54
N GLY A 212 6.61 -10.37 -11.82
CA GLY A 212 7.00 -11.69 -12.26
C GLY A 212 8.51 -11.59 -12.40
N ALA A 213 9.19 -12.71 -12.61
CA ALA A 213 10.64 -12.69 -12.76
C ALA A 213 11.02 -11.87 -14.00
N GLY A 214 12.09 -11.07 -13.87
CA GLY A 214 12.56 -10.26 -14.97
C GLY A 214 11.89 -8.90 -15.16
N ALA A 215 10.80 -8.65 -14.44
CA ALA A 215 10.09 -7.39 -14.58
C ALA A 215 10.65 -6.20 -13.78
N GLY A 216 11.69 -6.43 -12.99
CA GLY A 216 12.26 -5.38 -12.19
C GLY A 216 12.78 -4.15 -12.91
N SER A 217 13.52 -4.34 -13.99
CA SER A 217 14.11 -3.23 -14.75
C SER A 217 13.17 -2.21 -15.40
N ALA A 218 11.89 -2.54 -15.52
CA ALA A 218 10.94 -1.62 -16.13
C ALA A 218 10.30 -0.68 -15.11
N VAL A 219 10.45 -1.00 -13.83
CA VAL A 219 9.88 -0.22 -12.72
C VAL A 219 10.39 1.23 -12.65
N ALA A 220 11.67 1.44 -12.93
CA ALA A 220 12.24 2.79 -12.88
C ALA A 220 11.48 3.75 -13.78
N GLY A 221 11.21 3.32 -15.01
CA GLY A 221 10.48 4.15 -15.96
C GLY A 221 9.04 4.37 -15.54
N ALA A 222 8.43 3.33 -14.98
CA ALA A 222 7.04 3.40 -14.51
C ALA A 222 6.92 4.46 -13.42
N LEU A 223 7.89 4.48 -12.51
CA LEU A 223 7.89 5.48 -11.44
C LEU A 223 8.08 6.87 -12.03
N ASN A 224 8.93 7.00 -13.05
CA ASN A 224 9.16 8.29 -13.71
C ASN A 224 7.89 8.80 -14.37
N ALA A 225 7.14 7.89 -14.99
CA ALA A 225 5.89 8.22 -15.65
C ALA A 225 4.85 8.65 -14.62
N LEU A 226 4.78 7.94 -13.50
CA LEU A 226 3.83 8.28 -12.42
C LEU A 226 4.13 9.65 -11.79
N ALA A 227 5.40 10.05 -11.82
CA ALA A 227 5.82 11.33 -11.26
C ALA A 227 5.22 12.51 -12.03
N SER A 228 4.78 12.26 -13.26
CA SER A 228 4.18 13.30 -14.08
C SER A 228 2.73 13.60 -13.71
N ALA A 229 2.13 12.75 -12.87
CA ALA A 229 0.74 12.95 -12.46
C ALA A 229 0.64 14.23 -11.65
N GLY A 230 1.74 14.59 -10.99
CA GLY A 230 1.79 15.81 -10.21
C GLY A 230 1.55 15.67 -8.72
N THR A 231 1.56 14.45 -8.19
CA THR A 231 1.36 14.28 -6.75
C THR A 231 2.65 14.65 -6.03
N LYS A 232 2.55 14.98 -4.75
CA LYS A 232 3.72 15.32 -3.95
C LYS A 232 4.70 14.13 -3.84
N GLU A 233 4.16 12.92 -3.71
CA GLU A 233 5.00 11.74 -3.58
C GLU A 233 4.36 10.51 -4.21
N ILE A 234 5.14 9.45 -4.30
CA ILE A 234 4.70 8.16 -4.83
C ILE A 234 5.42 7.11 -3.98
N ALA A 235 4.96 5.87 -4.01
CA ALA A 235 5.59 4.81 -3.24
C ALA A 235 5.29 3.43 -3.80
N ILE A 236 6.24 2.50 -3.59
CA ILE A 236 6.09 1.12 -4.01
C ILE A 236 5.46 0.56 -2.73
N THR A 237 4.20 0.15 -2.85
CA THR A 237 3.42 -0.29 -1.71
C THR A 237 3.30 -1.78 -1.36
N GLU A 238 3.40 -2.67 -2.34
CA GLU A 238 3.24 -4.09 -2.06
C GLU A 238 4.18 -4.97 -2.88
N LEU A 239 5.46 -4.68 -2.78
CA LEU A 239 6.47 -5.39 -3.53
C LEU A 239 6.74 -6.85 -3.23
N ASP A 240 6.74 -7.63 -4.30
CA ASP A 240 7.09 -9.05 -4.26
C ASP A 240 7.40 -9.42 -5.70
N ILE A 241 8.41 -10.26 -5.89
CA ILE A 241 8.84 -10.63 -7.23
C ILE A 241 9.03 -12.14 -7.31
N ALA A 242 8.31 -12.79 -8.22
CA ALA A 242 8.44 -14.23 -8.38
C ALA A 242 9.91 -14.59 -8.58
N GLY A 243 10.39 -15.58 -7.84
CA GLY A 243 11.78 -16.00 -7.95
C GLY A 243 12.74 -15.22 -7.08
N ALA A 244 12.35 -14.03 -6.65
CA ALA A 244 13.15 -13.17 -5.78
C ALA A 244 14.62 -12.99 -6.16
N SER A 245 14.90 -12.86 -7.46
CA SER A 245 16.27 -12.67 -7.91
C SER A 245 16.85 -11.35 -7.41
N SER A 246 18.16 -11.33 -7.21
CA SER A 246 18.85 -10.13 -6.75
C SER A 246 18.75 -9.04 -7.81
N THR A 247 18.91 -9.41 -9.08
CA THR A 247 18.83 -8.44 -10.18
C THR A 247 17.49 -7.70 -10.15
N ASP A 248 16.40 -8.45 -9.99
CA ASP A 248 15.06 -7.87 -9.92
C ASP A 248 14.88 -6.94 -8.74
N TYR A 249 15.21 -7.44 -7.55
CA TYR A 249 15.06 -6.68 -6.32
C TYR A 249 15.92 -5.44 -6.25
N VAL A 250 17.16 -5.53 -6.71
CA VAL A 250 18.06 -4.38 -6.71
C VAL A 250 17.55 -3.36 -7.73
N ASN A 251 17.07 -3.84 -8.87
CA ASN A 251 16.52 -2.95 -9.89
C ASN A 251 15.35 -2.15 -9.32
N VAL A 252 14.46 -2.82 -8.59
CA VAL A 252 13.30 -2.14 -8.00
C VAL A 252 13.72 -1.15 -6.92
N VAL A 253 14.68 -1.53 -6.07
CA VAL A 253 15.17 -0.66 -5.02
C VAL A 253 15.81 0.61 -5.62
N ASN A 254 16.58 0.43 -6.69
CA ASN A 254 17.22 1.55 -7.38
C ASN A 254 16.19 2.43 -8.09
N ALA A 255 15.11 1.80 -8.58
CA ALA A 255 14.04 2.51 -9.26
C ALA A 255 13.49 3.60 -8.33
N CYS A 256 13.26 3.23 -7.08
CA CYS A 256 12.75 4.14 -6.06
C CYS A 256 13.83 5.11 -5.61
N LEU A 257 15.01 4.57 -5.38
CA LEU A 257 16.16 5.36 -4.93
C LEU A 257 16.45 6.53 -5.85
N ASN A 258 16.36 6.30 -7.15
CA ASN A 258 16.67 7.33 -8.13
C ASN A 258 15.53 8.21 -8.61
N GLN A 259 14.40 8.13 -7.93
CA GLN A 259 13.23 8.94 -8.26
C GLN A 259 12.93 9.76 -7.00
N ALA A 260 13.03 11.08 -7.10
CA ALA A 260 12.80 11.99 -5.98
C ALA A 260 11.46 11.85 -5.24
N LYS A 261 10.39 11.58 -5.97
CA LYS A 261 9.07 11.44 -5.35
C LYS A 261 8.83 10.14 -4.60
N CYS A 262 9.67 9.14 -4.85
CA CYS A 262 9.51 7.85 -4.18
C CYS A 262 10.00 7.93 -2.74
N VAL A 263 9.07 7.93 -1.79
CA VAL A 263 9.41 8.05 -0.37
C VAL A 263 9.73 6.73 0.34
N GLY A 264 9.29 5.60 -0.23
CA GLY A 264 9.58 4.34 0.41
C GLY A 264 9.10 3.12 -0.34
N ILE A 265 9.48 1.96 0.18
CA ILE A 265 9.10 0.69 -0.41
C ILE A 265 8.55 -0.19 0.70
N THR A 266 7.45 -0.87 0.44
CA THR A 266 6.87 -1.81 1.40
C THR A 266 6.90 -3.15 0.68
N VAL A 267 7.55 -4.15 1.27
CA VAL A 267 7.59 -5.50 0.69
C VAL A 267 6.36 -6.23 1.24
N TRP A 268 5.59 -6.86 0.36
CA TRP A 268 4.37 -7.55 0.77
C TRP A 268 4.60 -8.88 1.49
N GLY A 269 5.21 -8.79 2.66
CA GLY A 269 5.50 -9.98 3.45
C GLY A 269 6.94 -10.02 3.86
N VAL A 270 7.26 -10.84 4.85
CA VAL A 270 8.63 -10.96 5.32
C VAL A 270 9.26 -12.24 4.75
N ALA A 271 8.66 -13.39 5.10
CA ALA A 271 9.19 -14.68 4.66
C ALA A 271 8.25 -15.43 3.70
N ASP A 272 8.85 -16.10 2.72
CA ASP A 272 8.13 -16.86 1.71
C ASP A 272 6.88 -17.68 2.13
N PRO A 273 6.99 -18.49 3.20
CA PRO A 273 5.81 -19.27 3.60
C PRO A 273 4.56 -18.45 3.90
N ASP A 274 4.77 -17.21 4.33
CA ASP A 274 3.65 -16.32 4.66
C ASP A 274 3.21 -15.41 3.52
N SER A 275 3.76 -15.63 2.35
CA SER A 275 3.42 -14.83 1.19
C SER A 275 2.08 -15.26 0.58
N TRP A 276 1.33 -14.31 0.04
CA TRP A 276 0.06 -14.64 -0.60
C TRP A 276 0.34 -15.32 -1.95
N ARG A 277 1.60 -15.30 -2.37
CA ARG A 277 2.10 -15.92 -3.61
C ARG A 277 3.26 -16.85 -3.18
N SER A 278 3.07 -17.58 -2.10
CA SER A 278 4.11 -18.46 -1.56
C SER A 278 4.77 -19.44 -2.53
N SER A 279 4.00 -19.98 -3.48
CA SER A 279 4.55 -20.95 -4.44
C SER A 279 5.62 -20.35 -5.35
N SER A 280 5.70 -19.03 -5.41
CA SER A 280 6.68 -18.39 -6.26
C SER A 280 7.91 -17.89 -5.51
N SER A 281 7.97 -18.12 -4.20
CA SER A 281 9.09 -17.68 -3.35
C SER A 281 9.48 -16.25 -3.75
N PRO A 282 8.54 -15.30 -3.61
CA PRO A 282 8.76 -13.90 -3.97
C PRO A 282 9.27 -12.90 -2.95
N LEU A 283 9.62 -13.36 -1.75
CA LEU A 283 10.07 -12.46 -0.68
C LEU A 283 11.57 -12.46 -0.34
N LEU A 284 11.94 -11.62 0.61
CA LEU A 284 13.34 -11.48 1.02
C LEU A 284 13.89 -12.46 2.07
N PHE A 285 13.00 -13.19 2.73
CA PHE A 285 13.40 -14.18 3.73
C PHE A 285 12.81 -15.51 3.32
N ASP A 286 13.52 -16.58 3.59
CA ASP A 286 13.05 -17.91 3.20
C ASP A 286 12.21 -18.67 4.22
N GLY A 287 11.95 -19.95 3.91
CA GLY A 287 11.16 -20.81 4.76
C GLY A 287 11.67 -20.96 6.18
N ASN A 288 12.95 -20.65 6.38
CA ASN A 288 13.57 -20.74 7.70
C ASN A 288 13.70 -19.36 8.32
N TYR A 289 13.05 -18.37 7.71
CA TYR A 289 13.06 -16.98 8.16
C TYR A 289 14.47 -16.40 8.17
N ASN A 290 15.26 -16.82 7.19
CA ASN A 290 16.64 -16.38 7.01
C ASN A 290 16.75 -15.52 5.77
N PRO A 291 17.65 -14.53 5.77
CA PRO A 291 17.82 -13.65 4.62
C PRO A 291 18.24 -14.42 3.38
N LYS A 292 17.57 -14.14 2.27
CA LYS A 292 17.87 -14.77 0.99
C LYS A 292 18.94 -13.91 0.33
N ALA A 293 19.41 -14.34 -0.83
CA ALA A 293 20.45 -13.59 -1.55
C ALA A 293 20.04 -12.15 -1.90
N ALA A 294 18.79 -11.97 -2.33
CA ALA A 294 18.26 -10.65 -2.69
C ALA A 294 18.33 -9.66 -1.54
N TYR A 295 18.10 -10.13 -0.32
CA TYR A 295 18.17 -9.25 0.83
C TYR A 295 19.57 -8.67 0.94
N ASN A 296 20.57 -9.54 0.84
CA ASN A 296 21.97 -9.11 0.93
C ASN A 296 22.34 -8.23 -0.26
N ALA A 297 21.80 -8.58 -1.44
CA ALA A 297 22.08 -7.79 -2.64
C ALA A 297 21.56 -6.37 -2.44
N ILE A 298 20.36 -6.25 -1.88
CA ILE A 298 19.76 -4.94 -1.62
C ILE A 298 20.63 -4.15 -0.64
N ALA A 299 21.09 -4.83 0.40
CA ALA A 299 21.93 -4.20 1.41
C ALA A 299 23.24 -3.69 0.83
N ASN A 300 23.85 -4.47 -0.04
CA ASN A 300 25.11 -4.08 -0.65
C ASN A 300 24.97 -3.04 -1.75
N ALA A 301 23.76 -2.83 -2.25
CA ALA A 301 23.51 -1.83 -3.29
C ALA A 301 23.27 -0.46 -2.65
N LEU A 302 22.99 -0.46 -1.36
CA LEU A 302 22.73 0.77 -0.61
C LEU A 302 23.95 1.19 0.21
O1 XYP B . -4.18 -5.76 -4.40
C1 XYP B . -3.64 -6.22 -3.20
C2 XYP B . -4.39 -5.66 -1.98
C3 XYP B . -3.70 -6.24 -0.69
C4 XYP B . -3.84 -7.78 -0.89
C5 XYP B . -2.94 -8.25 -2.10
O2 XYP B . -4.37 -4.23 -2.08
O3 XYP B . -4.43 -5.78 0.46
O4 XYP B . -3.54 -8.50 0.31
O5 XYP B . -3.44 -7.61 -3.30
C1 XYP B . -3.95 -9.82 0.18
C2 XYP B . -3.44 -10.62 1.37
C3 XYP B . -4.12 -12.01 1.50
C4 XYP B . -5.63 -11.78 1.51
C5 XYP B . -6.01 -11.10 0.20
O2 XYP B . -2.03 -10.77 1.27
O3 XYP B . -3.71 -12.62 2.73
O4 XYP B . -6.43 -12.97 1.78
O5 XYP B . -5.38 -9.80 0.12
C1 XYP B . -7.28 -12.72 2.86
C2 XYP B . -8.28 -13.87 3.18
C3 XYP B . -8.94 -13.48 4.52
C4 XYP B . -7.88 -13.55 5.63
C5 XYP B . -6.51 -13.52 4.99
O2 XYP B . -9.26 -13.92 2.15
O3 XYP B . -10.02 -14.35 4.81
O4 XYP B . -8.01 -12.43 6.50
O5 XYP B . -6.45 -12.48 4.00
#